data_6DKB
#
_entry.id   6DKB
#
_cell.length_a   113.490
_cell.length_b   45.970
_cell.length_c   79.270
_cell.angle_alpha   90.00
_cell.angle_beta   126.97
_cell.angle_gamma   90.00
#
_symmetry.space_group_name_H-M   'C 1 2 1'
#
loop_
_entity.id
_entity.type
_entity.pdbx_description
1 polymer 'High affinity nerve growth factor receptor'
2 non-polymer 2-{[(3R,4S)-3-fluoro-1-{[4-(trifluoromethoxy)phenyl]acetyl}piperidin-4-yl]oxy}-5-(1-methyl-1H-imidazol-4-yl)pyridine-3-carboxamide
3 water water
#
_entity_poly.entity_id   1
_entity_poly.type   'polypeptide(L)'
_entity_poly.pdbx_seq_one_letter_code
;GSTEGKGSGLQGHIIENPQYFSDACVHHIKRRDIVLKWELGEGAFGKVFLAECHNLLPEQDKMLVAVKALKEASESARQD
FQREAELLTMLQHQHIVRFFGVCTEGRPLLMVFEYMRHGDLNRFLRSHGPDAKLLAGGEDVAPGPLGLGQLLAVASQVAA
GMVYLAGLHFVHRDLATRNCLVGQGLVVKIGDFGMSRDIYSTDYYRVGGRTMLPIRWMPPESILYRKFTTESDVWSFGVV
LWEIFTYGKQPWYQLSNTEAIDCITQGRELERPRACPPEVYAIMRGCWQREPQQRHSIKDVHARLQALAQAPPVYLDVLG
;
_entity_poly.pdbx_strand_id   A
#
loop_
_chem_comp.id
_chem_comp.type
_chem_comp.name
_chem_comp.formula
FKY non-polymer 2-{[(3R,4S)-3-fluoro-1-{[4-(trifluoromethoxy)phenyl]acetyl}piperidin-4-yl]oxy}-5-(1-methyl-1H-imidazol-4-yl)pyridine-3-carboxamide 'C24 H23 F4 N5 O4'
#
# COMPACT_ATOMS: atom_id res chain seq x y z
N CYS A 25 19.65 15.12 -1.41
CA CYS A 25 20.37 14.73 -2.62
C CYS A 25 19.93 13.34 -3.10
N VAL A 26 19.58 13.24 -4.41
CA VAL A 26 19.10 12.04 -5.07
C VAL A 26 20.26 11.27 -5.68
N HIS A 27 20.34 9.95 -5.38
CA HIS A 27 21.40 9.07 -5.88
C HIS A 27 21.22 8.75 -7.35
N HIS A 28 22.33 8.77 -8.10
CA HIS A 28 22.34 8.48 -9.53
C HIS A 28 23.02 7.18 -9.84
N ILE A 29 22.37 6.35 -10.64
CA ILE A 29 22.84 5.03 -11.04
C ILE A 29 23.26 5.08 -12.52
N LYS A 30 24.45 4.55 -12.84
CA LYS A 30 24.95 4.52 -14.23
C LYS A 30 24.16 3.43 -14.99
N ARG A 31 23.68 3.77 -16.20
CA ARG A 31 22.88 2.89 -17.05
C ARG A 31 23.48 1.49 -17.26
N ARG A 32 24.81 1.38 -17.42
CA ARG A 32 25.42 0.08 -17.66
C ARG A 32 25.66 -0.73 -16.36
N ASP A 33 25.10 -0.27 -15.22
CA ASP A 33 25.11 -1.00 -13.95
C ASP A 33 23.79 -1.80 -13.84
N ILE A 34 22.74 -1.30 -14.54
CA ILE A 34 21.42 -1.90 -14.60
C ILE A 34 21.35 -2.86 -15.79
N VAL A 35 20.88 -4.09 -15.56
CA VAL A 35 20.68 -5.14 -16.54
C VAL A 35 19.22 -5.63 -16.40
N LEU A 36 18.35 -5.24 -17.35
CA LEU A 36 16.92 -5.59 -17.37
C LEU A 36 16.73 -7.06 -17.70
N LYS A 37 15.93 -7.77 -16.89
CA LYS A 37 15.71 -9.19 -17.08
C LYS A 37 14.30 -9.56 -17.51
N TRP A 38 13.26 -9.00 -16.87
CA TRP A 38 11.87 -9.38 -17.15
C TRP A 38 10.86 -8.31 -16.76
N GLU A 39 9.86 -8.05 -17.60
CA GLU A 39 8.80 -7.08 -17.28
C GLU A 39 7.89 -7.66 -16.18
N LEU A 40 7.71 -6.93 -15.07
CA LEU A 40 6.87 -7.35 -13.96
C LEU A 40 5.43 -6.83 -14.08
N GLY A 41 5.28 -5.65 -14.70
CA GLY A 41 3.99 -5.00 -14.91
C GLY A 41 4.08 -3.71 -15.72
N GLU A 42 2.90 -3.14 -16.10
CA GLU A 42 2.76 -1.89 -16.86
C GLU A 42 1.42 -1.19 -16.66
N GLY A 43 1.45 0.13 -16.84
CA GLY A 43 0.31 1.03 -16.74
C GLY A 43 0.41 2.17 -17.74
N ALA A 44 -0.28 3.30 -17.46
CA ALA A 44 -0.25 4.48 -18.33
C ALA A 44 1.12 5.21 -18.30
N PHE A 45 1.68 5.36 -17.08
CA PHE A 45 2.97 5.97 -16.73
C PHE A 45 4.18 5.44 -17.55
N GLY A 46 4.24 4.11 -17.65
CA GLY A 46 5.32 3.37 -18.31
C GLY A 46 5.38 1.93 -17.86
N LYS A 47 6.60 1.37 -17.73
CA LYS A 47 6.80 -0.06 -17.39
C LYS A 47 7.69 -0.33 -16.16
N VAL A 48 7.46 -1.51 -15.50
CA VAL A 48 8.25 -2.00 -14.34
C VAL A 48 8.94 -3.32 -14.71
N PHE A 49 10.26 -3.39 -14.53
CA PHE A 49 11.09 -4.54 -14.88
C PHE A 49 11.90 -5.07 -13.72
N LEU A 50 12.13 -6.39 -13.73
CA LEU A 50 13.03 -7.04 -12.81
C LEU A 50 14.37 -6.85 -13.45
N ALA A 51 15.36 -6.48 -12.66
CA ALA A 51 16.71 -6.22 -13.16
C ALA A 51 17.77 -6.59 -12.15
N GLU A 52 18.99 -6.79 -12.65
CA GLU A 52 20.16 -7.03 -11.82
C GLU A 52 20.93 -5.72 -11.79
N CYS A 53 21.16 -5.14 -10.61
CA CYS A 53 21.90 -3.88 -10.48
C CYS A 53 23.24 -4.11 -9.82
N HIS A 54 24.29 -3.56 -10.44
CA HIS A 54 25.67 -3.65 -9.97
C HIS A 54 26.05 -2.36 -9.23
N ASN A 55 27.03 -2.47 -8.30
CA ASN A 55 27.60 -1.37 -7.49
C ASN A 55 26.55 -0.56 -6.73
N LEU A 56 25.49 -1.25 -6.26
CA LEU A 56 24.43 -0.59 -5.51
C LEU A 56 24.71 -0.80 -4.02
N LEU A 57 24.77 -2.09 -3.60
CA LEU A 57 25.11 -2.45 -2.23
C LEU A 57 26.50 -3.10 -2.17
N PRO A 58 27.30 -2.82 -1.10
CA PRO A 58 28.70 -3.31 -1.06
C PRO A 58 28.93 -4.83 -1.05
N GLU A 59 28.19 -5.61 -0.25
CA GLU A 59 28.40 -7.06 -0.20
C GLU A 59 27.87 -7.79 -1.46
N GLN A 60 26.87 -7.17 -2.13
CA GLN A 60 26.20 -7.74 -3.32
C GLN A 60 26.71 -7.19 -4.65
N ASP A 61 27.55 -7.98 -5.36
CA ASP A 61 28.12 -7.65 -6.67
C ASP A 61 26.97 -7.44 -7.69
N LYS A 62 26.01 -8.38 -7.70
CA LYS A 62 24.79 -8.29 -8.48
C LYS A 62 23.61 -8.65 -7.57
N MET A 63 22.61 -7.78 -7.57
CA MET A 63 21.41 -7.95 -6.75
C MET A 63 20.19 -7.60 -7.58
N LEU A 64 19.07 -8.23 -7.27
CA LEU A 64 17.81 -7.97 -7.95
C LEU A 64 17.21 -6.68 -7.45
N VAL A 65 16.52 -5.97 -8.35
CA VAL A 65 15.85 -4.67 -8.15
C VAL A 65 14.68 -4.52 -9.12
N ALA A 66 13.73 -3.62 -8.80
CA ALA A 66 12.57 -3.29 -9.61
C ALA A 66 12.85 -1.93 -10.27
N VAL A 67 12.79 -1.90 -11.59
CA VAL A 67 13.07 -0.73 -12.41
C VAL A 67 11.82 -0.19 -13.07
N LYS A 68 11.50 1.06 -12.77
CA LYS A 68 10.37 1.77 -13.34
C LYS A 68 10.93 2.71 -14.40
N ALA A 69 10.50 2.51 -15.65
CA ALA A 69 10.85 3.32 -16.81
C ALA A 69 9.63 4.17 -17.14
N LEU A 70 9.80 5.50 -17.19
CA LEU A 70 8.68 6.41 -17.49
C LEU A 70 8.61 6.73 -18.99
N LYS A 71 7.38 6.67 -19.55
CA LYS A 71 7.10 6.90 -20.98
C LYS A 71 7.43 8.33 -21.45
N GLU A 72 6.85 9.36 -20.82
CA GLU A 72 7.07 10.77 -21.18
C GLU A 72 8.48 11.25 -20.85
N ALA A 73 9.06 12.11 -21.72
CA ALA A 73 10.40 12.68 -21.53
C ALA A 73 10.40 14.23 -21.47
N SER A 74 9.24 14.86 -21.80
CA SER A 74 8.99 16.30 -21.78
C SER A 74 9.34 16.93 -20.42
N GLU A 75 9.69 18.24 -20.41
CA GLU A 75 10.08 18.97 -19.19
C GLU A 75 8.99 19.03 -18.11
N SER A 76 7.70 19.01 -18.51
CA SER A 76 6.54 19.01 -17.60
C SER A 76 6.51 17.72 -16.75
N ALA A 77 6.97 16.60 -17.35
CA ALA A 77 7.08 15.28 -16.75
C ALA A 77 8.45 15.09 -16.08
N ARG A 78 9.53 15.60 -16.73
CA ARG A 78 10.91 15.53 -16.26
C ARG A 78 11.10 16.22 -14.91
N GLN A 79 10.44 17.39 -14.72
CA GLN A 79 10.49 18.15 -13.47
C GLN A 79 9.65 17.46 -12.38
N ASP A 80 8.51 16.87 -12.80
CA ASP A 80 7.59 16.11 -11.96
C ASP A 80 8.28 14.83 -11.45
N PHE A 81 9.18 14.26 -12.30
CA PHE A 81 9.98 13.06 -12.06
C PHE A 81 10.99 13.29 -10.92
N GLN A 82 11.84 14.33 -11.05
CA GLN A 82 12.85 14.76 -10.08
C GLN A 82 12.19 15.07 -8.74
N ARG A 83 10.99 15.69 -8.77
CA ARG A 83 10.18 16.04 -7.60
C ARG A 83 9.82 14.77 -6.84
N GLU A 84 9.32 13.74 -7.57
CA GLU A 84 8.96 12.42 -7.06
C GLU A 84 10.21 11.74 -6.48
N ALA A 85 11.32 11.72 -7.25
CA ALA A 85 12.62 11.15 -6.88
C ALA A 85 13.13 11.74 -5.56
N GLU A 86 12.94 13.06 -5.36
CA GLU A 86 13.35 13.79 -4.16
C GLU A 86 12.55 13.34 -2.94
N LEU A 87 11.23 13.23 -3.10
CA LEU A 87 10.32 12.80 -2.04
C LEU A 87 10.58 11.33 -1.68
N LEU A 88 10.78 10.50 -2.70
CA LEU A 88 11.07 9.08 -2.53
C LEU A 88 12.37 8.87 -1.74
N THR A 89 13.39 9.73 -1.98
CA THR A 89 14.68 9.71 -1.27
C THR A 89 14.47 10.02 0.23
N MET A 90 13.59 10.98 0.54
CA MET A 90 13.27 11.44 1.89
C MET A 90 12.44 10.47 2.72
N LEU A 91 11.79 9.49 2.07
CA LEU A 91 10.97 8.48 2.76
C LEU A 91 11.80 7.21 2.98
N GLN A 92 12.28 7.01 4.22
CA GLN A 92 13.11 5.87 4.61
C GLN A 92 12.55 5.22 5.88
N HIS A 93 11.98 4.02 5.73
CA HIS A 93 11.37 3.22 6.77
C HIS A 93 11.32 1.75 6.33
N GLN A 94 11.28 0.83 7.29
CA GLN A 94 11.23 -0.63 7.15
C GLN A 94 10.03 -1.11 6.36
N HIS A 95 8.92 -0.37 6.43
CA HIS A 95 7.65 -0.77 5.81
C HIS A 95 7.17 0.23 4.76
N ILE A 96 8.13 0.82 4.05
CA ILE A 96 7.95 1.71 2.93
C ILE A 96 8.89 1.10 1.92
N VAL A 97 8.42 0.84 0.68
CA VAL A 97 9.30 0.22 -0.33
C VAL A 97 10.49 1.15 -0.60
N ARG A 98 11.69 0.58 -0.45
CA ARG A 98 12.99 1.21 -0.64
C ARG A 98 13.17 1.75 -2.07
N PHE A 99 13.59 3.02 -2.15
CA PHE A 99 13.93 3.70 -3.39
C PHE A 99 15.46 3.77 -3.38
N PHE A 100 16.11 3.33 -4.47
CA PHE A 100 17.55 3.26 -4.56
C PHE A 100 18.20 4.39 -5.34
N GLY A 101 17.47 4.97 -6.28
CA GLY A 101 17.99 6.06 -7.10
C GLY A 101 17.37 6.20 -8.48
N VAL A 102 18.07 6.95 -9.34
CA VAL A 102 17.65 7.34 -10.68
C VAL A 102 18.71 7.15 -11.77
N CYS A 103 18.24 7.00 -13.01
CA CYS A 103 19.10 6.96 -14.19
C CYS A 103 18.57 7.95 -15.22
N THR A 104 19.19 9.13 -15.23
CA THR A 104 18.82 10.27 -16.07
C THR A 104 19.80 10.43 -17.26
N GLU A 105 20.11 9.30 -17.92
CA GLU A 105 20.93 9.23 -19.13
C GLU A 105 19.93 9.13 -20.30
N GLY A 106 19.23 10.25 -20.52
CA GLY A 106 18.23 10.41 -21.56
C GLY A 106 16.97 9.60 -21.34
N ARG A 107 16.22 9.34 -22.43
CA ARG A 107 14.98 8.57 -22.43
C ARG A 107 15.28 7.06 -22.59
N PRO A 108 14.63 6.16 -21.80
CA PRO A 108 13.64 6.46 -20.73
C PRO A 108 14.31 6.80 -19.41
N LEU A 109 13.59 7.56 -18.57
CA LEU A 109 14.03 7.95 -17.23
C LEU A 109 13.78 6.77 -16.31
N LEU A 110 14.84 6.29 -15.64
CA LEU A 110 14.76 5.11 -14.76
C LEU A 110 14.74 5.45 -13.25
N MET A 111 13.85 4.77 -12.53
CA MET A 111 13.69 4.82 -11.08
C MET A 111 13.94 3.41 -10.54
N VAL A 112 14.92 3.27 -9.62
CA VAL A 112 15.30 1.97 -9.08
C VAL A 112 14.74 1.80 -7.68
N PHE A 113 14.10 0.66 -7.47
CA PHE A 113 13.47 0.24 -6.23
C PHE A 113 13.94 -1.17 -5.86
N GLU A 114 13.73 -1.56 -4.60
CA GLU A 114 14.07 -2.91 -4.15
C GLU A 114 13.10 -3.91 -4.80
N TYR A 115 13.53 -5.16 -4.90
CA TYR A 115 12.72 -6.21 -5.47
C TYR A 115 11.85 -6.90 -4.43
N MET A 116 10.53 -6.82 -4.60
CA MET A 116 9.48 -7.46 -3.79
C MET A 116 8.90 -8.58 -4.69
N ARG A 117 9.39 -9.81 -4.52
CA ARG A 117 9.10 -10.98 -5.35
C ARG A 117 7.63 -11.37 -5.47
N HIS A 118 6.84 -11.29 -4.37
CA HIS A 118 5.41 -11.68 -4.37
C HIS A 118 4.44 -10.64 -4.95
N GLY A 119 4.94 -9.47 -5.37
CA GLY A 119 4.14 -8.41 -5.96
C GLY A 119 3.26 -7.69 -4.96
N ASP A 120 2.13 -7.13 -5.45
CA ASP A 120 1.21 -6.39 -4.59
C ASP A 120 0.44 -7.30 -3.63
N LEU A 121 0.01 -6.72 -2.49
CA LEU A 121 -0.67 -7.41 -1.39
C LEU A 121 -2.07 -7.94 -1.76
N ASN A 122 -2.75 -7.33 -2.73
CA ASN A 122 -4.08 -7.80 -3.13
C ASN A 122 -4.05 -9.18 -3.81
N ARG A 123 -3.14 -9.33 -4.77
CA ARG A 123 -2.93 -10.58 -5.50
C ARG A 123 -2.42 -11.68 -4.54
N PHE A 124 -1.47 -11.34 -3.63
CA PHE A 124 -0.92 -12.28 -2.67
C PHE A 124 -2.00 -12.77 -1.75
N LEU A 125 -2.89 -11.87 -1.28
CA LEU A 125 -4.00 -12.27 -0.41
C LEU A 125 -4.95 -13.27 -1.11
N ARG A 126 -5.36 -12.96 -2.35
CA ARG A 126 -6.26 -13.79 -3.16
C ARG A 126 -5.63 -15.16 -3.48
N SER A 127 -4.30 -15.18 -3.77
CA SER A 127 -3.58 -16.38 -4.13
C SER A 127 -3.18 -17.26 -2.94
N HIS A 128 -3.21 -16.68 -1.73
CA HIS A 128 -2.91 -17.37 -0.47
C HIS A 128 -4.16 -17.39 0.37
N GLY A 129 -5.30 -17.52 -0.30
CA GLY A 129 -6.61 -17.56 0.34
C GLY A 129 -7.55 -18.60 -0.26
N PRO A 130 -8.65 -18.93 0.46
CA PRO A 130 -9.62 -19.93 -0.08
C PRO A 130 -10.35 -19.44 -1.34
N GLY A 144 -1.12 -22.76 0.35
CA GLY A 144 -1.84 -22.77 1.62
C GLY A 144 -2.41 -21.43 2.05
N PRO A 145 -3.61 -21.41 2.71
CA PRO A 145 -4.18 -20.12 3.16
C PRO A 145 -3.51 -19.60 4.44
N LEU A 146 -3.32 -18.27 4.51
CA LEU A 146 -2.69 -17.60 5.66
C LEU A 146 -3.50 -17.76 6.97
N GLY A 147 -2.79 -17.81 8.09
CA GLY A 147 -3.39 -17.98 9.40
C GLY A 147 -3.58 -16.65 10.11
N LEU A 148 -4.29 -16.67 11.24
CA LEU A 148 -4.60 -15.49 12.06
C LEU A 148 -3.35 -14.63 12.32
N GLY A 149 -2.30 -15.28 12.83
CA GLY A 149 -1.02 -14.66 13.15
C GLY A 149 -0.36 -14.01 11.97
N GLN A 150 -0.50 -14.62 10.78
CA GLN A 150 0.07 -14.11 9.54
C GLN A 150 -0.66 -12.85 9.08
N LEU A 151 -2.01 -12.88 9.09
CA LEU A 151 -2.85 -11.73 8.70
C LEU A 151 -2.60 -10.55 9.62
N LEU A 152 -2.35 -10.83 10.93
CA LEU A 152 -2.02 -9.82 11.94
C LEU A 152 -0.60 -9.29 11.71
N ALA A 153 0.32 -10.17 11.29
CA ALA A 153 1.69 -9.78 10.92
C ALA A 153 1.59 -8.78 9.74
N VAL A 154 0.77 -9.10 8.71
CA VAL A 154 0.52 -8.28 7.52
C VAL A 154 -0.05 -6.89 7.92
N ALA A 155 -1.14 -6.89 8.70
CA ALA A 155 -1.82 -5.69 9.20
C ALA A 155 -0.93 -4.74 10.03
N SER A 156 -0.14 -5.30 10.99
CA SER A 156 0.76 -4.54 11.85
C SER A 156 1.84 -3.83 11.01
N GLN A 157 2.43 -4.56 10.04
CA GLN A 157 3.43 -4.03 9.11
C GLN A 157 2.88 -2.82 8.30
N VAL A 158 1.62 -2.92 7.83
CA VAL A 158 0.97 -1.81 7.11
C VAL A 158 0.73 -0.63 8.07
N ALA A 159 0.38 -0.92 9.33
CA ALA A 159 0.15 0.10 10.34
C ALA A 159 1.44 0.83 10.70
N ALA A 160 2.57 0.09 10.81
CA ALA A 160 3.91 0.63 11.11
C ALA A 160 4.33 1.70 10.08
N GLY A 161 4.15 1.37 8.78
CA GLY A 161 4.46 2.26 7.66
C GLY A 161 3.60 3.51 7.65
N MET A 162 2.32 3.36 8.04
CA MET A 162 1.34 4.44 8.12
C MET A 162 1.65 5.37 9.28
N VAL A 163 2.18 4.82 10.39
CA VAL A 163 2.62 5.59 11.58
C VAL A 163 3.78 6.48 11.14
N TYR A 164 4.74 5.90 10.38
CA TYR A 164 5.88 6.63 9.83
C TYR A 164 5.40 7.80 8.97
N LEU A 165 4.47 7.52 8.03
CA LEU A 165 3.88 8.51 7.14
C LEU A 165 3.21 9.64 7.90
N ALA A 166 2.31 9.31 8.85
CA ALA A 166 1.58 10.25 9.69
C ALA A 166 2.54 11.19 10.46
N GLY A 167 3.67 10.64 10.92
CA GLY A 167 4.70 11.38 11.64
C GLY A 167 5.32 12.51 10.83
N LEU A 168 5.46 12.33 9.50
CA LEU A 168 6.01 13.33 8.59
C LEU A 168 4.95 14.28 8.04
N HIS A 169 3.69 14.13 8.51
CA HIS A 169 2.51 14.88 8.05
C HIS A 169 2.20 14.55 6.58
N PHE A 170 2.59 13.32 6.17
CA PHE A 170 2.40 12.80 4.83
C PHE A 170 1.04 12.14 4.71
N VAL A 171 0.27 12.56 3.70
CA VAL A 171 -1.03 11.95 3.43
C VAL A 171 -0.89 11.15 2.16
N HIS A 172 -1.02 9.80 2.27
CA HIS A 172 -0.90 8.85 1.17
C HIS A 172 -1.98 9.07 0.10
N ARG A 173 -3.26 9.23 0.54
CA ARG A 173 -4.47 9.48 -0.29
C ARG A 173 -4.99 8.24 -1.03
N ASP A 174 -4.17 7.18 -1.20
CA ASP A 174 -4.58 5.99 -1.93
C ASP A 174 -4.09 4.70 -1.25
N LEU A 175 -4.29 4.63 0.06
CA LEU A 175 -3.90 3.45 0.79
C LEU A 175 -4.91 2.32 0.52
N ALA A 176 -4.39 1.13 0.12
CA ALA A 176 -5.11 -0.08 -0.26
C ALA A 176 -4.09 -1.23 -0.43
N THR A 177 -4.55 -2.53 -0.35
CA THR A 177 -3.65 -3.71 -0.48
C THR A 177 -2.93 -3.75 -1.86
N ARG A 178 -3.62 -3.27 -2.91
CA ARG A 178 -3.06 -3.21 -4.27
C ARG A 178 -1.80 -2.27 -4.30
N ASN A 179 -1.69 -1.32 -3.35
CA ASN A 179 -0.56 -0.39 -3.27
C ASN A 179 0.51 -0.84 -2.30
N CYS A 180 0.23 -1.88 -1.51
CA CYS A 180 1.24 -2.50 -0.62
C CYS A 180 1.96 -3.60 -1.39
N LEU A 181 3.21 -3.83 -1.06
CA LEU A 181 4.03 -4.88 -1.68
C LEU A 181 4.47 -5.92 -0.67
N VAL A 182 4.61 -7.16 -1.16
CA VAL A 182 4.98 -8.36 -0.39
C VAL A 182 6.31 -8.90 -0.92
N GLY A 183 7.26 -8.99 0.01
CA GLY A 183 8.59 -9.53 -0.25
C GLY A 183 8.79 -10.86 0.44
N GLN A 184 10.05 -11.33 0.46
CA GLN A 184 10.52 -12.58 1.05
C GLN A 184 10.18 -12.71 2.55
N GLY A 185 9.57 -13.83 2.92
CA GLY A 185 9.21 -14.10 4.30
C GLY A 185 8.11 -13.21 4.86
N LEU A 186 7.04 -12.99 4.05
CA LEU A 186 5.87 -12.18 4.41
C LEU A 186 6.24 -10.75 4.91
N VAL A 187 7.30 -10.16 4.33
CA VAL A 187 7.66 -8.78 4.67
C VAL A 187 6.80 -7.87 3.78
N VAL A 188 5.96 -7.01 4.43
CA VAL A 188 5.01 -6.11 3.79
C VAL A 188 5.45 -4.64 3.87
N LYS A 189 5.50 -3.95 2.69
CA LYS A 189 5.82 -2.52 2.60
C LYS A 189 4.77 -1.75 1.82
N ILE A 190 4.70 -0.44 2.08
CA ILE A 190 3.74 0.46 1.45
C ILE A 190 4.41 1.15 0.29
N GLY A 191 3.74 1.10 -0.83
CA GLY A 191 4.17 1.72 -2.06
C GLY A 191 3.00 2.48 -2.64
N ASP A 192 3.03 2.65 -3.97
CA ASP A 192 2.02 3.37 -4.75
C ASP A 192 2.30 3.24 -6.23
N PHE A 193 1.34 2.62 -6.91
CA PHE A 193 1.28 2.48 -8.35
C PHE A 193 0.49 3.75 -8.86
N GLY A 194 -0.41 3.54 -9.82
CA GLY A 194 -1.26 4.60 -10.38
C GLY A 194 -2.65 4.11 -10.75
N SER A 201 -7.93 -1.02 -11.47
CA SER A 201 -8.25 -0.15 -12.59
C SER A 201 -9.71 0.32 -12.53
N THR A 202 -10.61 -0.63 -12.21
CA THR A 202 -12.03 -0.45 -12.00
C THR A 202 -12.23 -0.11 -10.51
N ASP A 203 -11.13 0.24 -9.81
CA ASP A 203 -11.12 0.58 -8.38
C ASP A 203 -11.32 2.05 -8.08
N TYR A 204 -11.53 2.84 -9.18
CA TYR A 204 -11.71 4.29 -9.06
C TYR A 204 -12.94 4.77 -9.85
N TYR A 205 -13.73 5.69 -9.25
CA TYR A 205 -14.85 6.29 -9.95
C TYR A 205 -14.47 7.71 -10.41
N ARG A 206 -15.21 8.28 -11.41
CA ARG A 206 -14.93 9.63 -11.89
C ARG A 206 -16.01 10.65 -11.43
N MET A 212 -10.30 10.60 -10.94
CA MET A 212 -10.76 9.29 -10.54
C MET A 212 -10.29 8.92 -9.13
N LEU A 213 -11.21 8.36 -8.33
CA LEU A 213 -10.99 8.13 -6.92
C LEU A 213 -11.31 6.73 -6.42
N PRO A 214 -10.45 6.20 -5.46
CA PRO A 214 -10.72 4.88 -4.86
C PRO A 214 -11.75 5.05 -3.76
N ILE A 215 -12.99 5.37 -4.18
CA ILE A 215 -14.12 5.74 -3.34
C ILE A 215 -14.37 4.72 -2.22
N ARG A 216 -14.22 3.42 -2.55
CA ARG A 216 -14.46 2.27 -1.65
C ARG A 216 -13.51 2.26 -0.42
N TRP A 217 -12.37 2.97 -0.52
CA TRP A 217 -11.38 3.14 0.55
C TRP A 217 -11.51 4.50 1.23
N MET A 218 -12.16 5.46 0.56
CA MET A 218 -12.38 6.84 0.98
C MET A 218 -13.50 7.03 1.99
N PRO A 219 -13.30 7.92 3.02
CA PRO A 219 -14.39 8.29 3.94
C PRO A 219 -15.36 9.35 3.33
N PRO A 220 -16.51 9.71 4.00
CA PRO A 220 -17.44 10.69 3.39
C PRO A 220 -16.87 12.09 3.06
N GLU A 221 -16.07 12.68 3.96
CA GLU A 221 -15.49 14.02 3.71
C GLU A 221 -14.57 14.07 2.49
N SER A 222 -13.99 12.93 2.10
CA SER A 222 -13.09 12.82 0.94
C SER A 222 -13.92 12.63 -0.32
N ILE A 223 -15.05 11.87 -0.22
CA ILE A 223 -15.99 11.64 -1.34
C ILE A 223 -16.69 12.98 -1.67
N LEU A 224 -17.34 13.59 -0.66
CA LEU A 224 -18.09 14.82 -0.78
C LEU A 224 -17.26 16.07 -1.01
N TYR A 225 -16.28 16.36 -0.13
CA TYR A 225 -15.53 17.61 -0.22
C TYR A 225 -14.12 17.53 -0.86
N ARG A 226 -13.64 16.30 -1.20
CA ARG A 226 -12.30 16.03 -1.78
C ARG A 226 -11.17 16.42 -0.83
N LYS A 227 -11.39 16.30 0.48
CA LYS A 227 -10.41 16.63 1.53
C LYS A 227 -9.72 15.38 2.08
N PHE A 228 -8.42 15.19 1.72
CA PHE A 228 -7.58 14.07 2.16
C PHE A 228 -6.64 14.49 3.31
N THR A 229 -6.83 13.84 4.47
CA THR A 229 -6.09 14.13 5.71
C THR A 229 -5.42 12.87 6.27
N THR A 230 -4.77 13.01 7.44
CA THR A 230 -4.13 11.92 8.18
C THR A 230 -5.26 11.01 8.70
N GLU A 231 -6.42 11.64 8.95
CA GLU A 231 -7.65 11.02 9.45
C GLU A 231 -8.33 10.20 8.36
N SER A 232 -8.25 10.65 7.10
CA SER A 232 -8.83 9.95 5.95
C SER A 232 -7.99 8.71 5.62
N ASP A 233 -6.69 8.79 5.93
CA ASP A 233 -5.74 7.69 5.79
C ASP A 233 -6.04 6.60 6.82
N VAL A 234 -6.51 7.00 8.02
CA VAL A 234 -6.88 6.06 9.09
C VAL A 234 -8.12 5.25 8.63
N TRP A 235 -9.12 5.94 8.01
CA TRP A 235 -10.31 5.31 7.44
C TRP A 235 -9.90 4.27 6.39
N SER A 236 -8.97 4.65 5.49
CA SER A 236 -8.41 3.79 4.46
C SER A 236 -7.79 2.54 5.07
N PHE A 237 -6.97 2.68 6.17
CA PHE A 237 -6.33 1.56 6.86
C PHE A 237 -7.37 0.59 7.41
N GLY A 238 -8.48 1.15 7.87
CA GLY A 238 -9.62 0.37 8.33
C GLY A 238 -10.19 -0.50 7.22
N VAL A 239 -10.19 0.02 5.97
CA VAL A 239 -10.66 -0.69 4.79
C VAL A 239 -9.59 -1.72 4.35
N VAL A 240 -8.31 -1.34 4.50
CA VAL A 240 -7.16 -2.22 4.23
C VAL A 240 -7.28 -3.45 5.18
N LEU A 241 -7.70 -3.20 6.44
CA LEU A 241 -7.93 -4.23 7.45
C LEU A 241 -9.01 -5.20 6.97
N TRP A 242 -10.12 -4.66 6.46
CA TRP A 242 -11.22 -5.47 5.95
C TRP A 242 -10.69 -6.39 4.81
N GLU A 243 -10.00 -5.77 3.82
CA GLU A 243 -9.34 -6.45 2.70
C GLU A 243 -8.41 -7.60 3.15
N ILE A 244 -7.57 -7.37 4.20
CA ILE A 244 -6.66 -8.39 4.70
C ILE A 244 -7.44 -9.63 5.14
N PHE A 245 -8.44 -9.46 6.03
CA PHE A 245 -9.24 -10.53 6.63
C PHE A 245 -10.34 -11.13 5.74
N THR A 246 -10.44 -10.67 4.47
CA THR A 246 -11.38 -11.21 3.49
C THR A 246 -10.59 -11.93 2.39
N TYR A 247 -9.23 -11.90 2.48
CA TYR A 247 -8.26 -12.42 1.52
C TYR A 247 -8.35 -11.66 0.19
N GLY A 248 -8.37 -10.34 0.29
CA GLY A 248 -8.37 -9.39 -0.82
C GLY A 248 -9.67 -9.19 -1.56
N LYS A 249 -10.82 -9.31 -0.88
CA LYS A 249 -12.14 -9.09 -1.51
C LYS A 249 -12.34 -7.59 -1.63
N GLN A 250 -13.06 -7.14 -2.65
CA GLN A 250 -13.30 -5.71 -2.83
C GLN A 250 -14.35 -5.18 -1.85
N PRO A 251 -14.03 -4.10 -1.10
CA PRO A 251 -15.05 -3.52 -0.18
C PRO A 251 -16.31 -3.13 -0.95
N TRP A 252 -17.49 -3.56 -0.45
CA TRP A 252 -18.80 -3.36 -1.06
C TRP A 252 -18.93 -4.08 -2.43
N TYR A 253 -18.39 -5.32 -2.54
CA TYR A 253 -18.43 -6.08 -3.80
C TYR A 253 -19.85 -6.30 -4.34
N GLN A 254 -20.84 -6.40 -3.43
CA GLN A 254 -22.24 -6.59 -3.83
C GLN A 254 -22.90 -5.30 -4.38
N LEU A 255 -22.15 -4.17 -4.37
CA LEU A 255 -22.59 -2.84 -4.79
C LEU A 255 -21.78 -2.29 -5.96
N SER A 256 -22.35 -1.32 -6.66
CA SER A 256 -21.66 -0.64 -7.76
C SER A 256 -21.03 0.63 -7.20
N ASN A 257 -20.00 1.17 -7.89
CA ASN A 257 -19.26 2.39 -7.52
C ASN A 257 -20.17 3.50 -7.01
N THR A 258 -21.17 3.88 -7.82
CA THR A 258 -22.18 4.90 -7.52
C THR A 258 -23.02 4.50 -6.29
N GLU A 259 -23.45 3.22 -6.20
CA GLU A 259 -24.27 2.73 -5.08
C GLU A 259 -23.51 2.76 -3.77
N ALA A 260 -22.20 2.39 -3.81
CA ALA A 260 -21.29 2.37 -2.67
C ALA A 260 -21.08 3.78 -2.09
N ILE A 261 -20.99 4.83 -2.96
CA ILE A 261 -20.88 6.25 -2.59
C ILE A 261 -22.03 6.63 -1.64
N ASP A 262 -23.27 6.31 -2.03
CA ASP A 262 -24.47 6.55 -1.23
C ASP A 262 -24.46 5.71 0.07
N CYS A 263 -23.89 4.51 0.00
CA CYS A 263 -23.77 3.58 1.12
C CYS A 263 -22.79 4.09 2.20
N ILE A 264 -21.65 4.67 1.76
CA ILE A 264 -20.60 5.22 2.64
C ILE A 264 -21.06 6.55 3.24
N THR A 265 -21.61 7.47 2.39
CA THR A 265 -22.10 8.81 2.81
C THR A 265 -23.31 8.73 3.77
N GLN A 266 -24.01 7.59 3.83
CA GLN A 266 -25.11 7.40 4.77
C GLN A 266 -24.59 6.80 6.11
N GLY A 267 -23.32 6.41 6.12
CA GLY A 267 -22.67 5.86 7.30
C GLY A 267 -22.76 4.35 7.50
N ARG A 268 -22.90 3.59 6.39
CA ARG A 268 -22.96 2.13 6.48
C ARG A 268 -21.56 1.54 6.62
N GLU A 269 -21.41 0.59 7.56
CA GLU A 269 -20.14 -0.08 7.84
C GLU A 269 -20.09 -1.47 7.20
N LEU A 270 -18.88 -1.87 6.70
CA LEU A 270 -18.62 -3.19 6.13
C LEU A 270 -18.81 -4.23 7.24
N GLU A 271 -19.48 -5.35 6.92
CA GLU A 271 -19.73 -6.43 7.88
C GLU A 271 -18.42 -7.12 8.33
N ARG A 272 -18.43 -7.70 9.55
CA ARG A 272 -17.27 -8.40 10.13
C ARG A 272 -16.90 -9.66 9.31
N PRO A 273 -15.71 -9.68 8.65
CA PRO A 273 -15.31 -10.89 7.90
C PRO A 273 -15.24 -12.15 8.76
N ARG A 274 -15.63 -13.28 8.19
CA ARG A 274 -15.63 -14.62 8.79
C ARG A 274 -14.32 -14.95 9.55
N ALA A 275 -13.14 -14.64 8.94
CA ALA A 275 -11.80 -14.90 9.48
C ALA A 275 -11.33 -13.84 10.46
N CYS A 276 -12.17 -12.84 10.68
CA CYS A 276 -11.84 -11.71 11.51
C CYS A 276 -12.29 -11.86 12.97
N PRO A 277 -11.34 -11.93 13.94
CA PRO A 277 -11.75 -11.94 15.35
C PRO A 277 -12.42 -10.61 15.73
N PRO A 278 -13.38 -10.60 16.70
CA PRO A 278 -14.08 -9.34 17.02
C PRO A 278 -13.20 -8.23 17.59
N GLU A 279 -12.00 -8.58 18.11
CA GLU A 279 -11.02 -7.62 18.61
C GLU A 279 -10.50 -6.77 17.44
N VAL A 280 -10.25 -7.41 16.29
CA VAL A 280 -9.78 -6.75 15.07
C VAL A 280 -10.92 -5.90 14.48
N TYR A 281 -12.16 -6.42 14.47
CA TYR A 281 -13.31 -5.68 13.97
C TYR A 281 -13.56 -4.37 14.73
N ALA A 282 -13.20 -4.33 16.04
CA ALA A 282 -13.33 -3.13 16.88
C ALA A 282 -12.35 -2.07 16.39
N ILE A 283 -11.11 -2.53 16.06
CA ILE A 283 -10.04 -1.70 15.50
C ILE A 283 -10.53 -1.03 14.21
N MET A 284 -11.16 -1.83 13.27
CA MET A 284 -11.72 -1.34 11.99
C MET A 284 -12.78 -0.26 12.20
N ARG A 285 -13.74 -0.54 13.10
CA ARG A 285 -14.84 0.38 13.44
C ARG A 285 -14.34 1.71 14.00
N GLY A 286 -13.24 1.66 14.76
CA GLY A 286 -12.55 2.82 15.33
C GLY A 286 -11.90 3.70 14.28
N CYS A 287 -11.55 3.06 13.13
CA CYS A 287 -10.99 3.73 11.94
C CYS A 287 -12.17 4.35 11.17
N TRP A 288 -13.39 3.82 11.39
CA TRP A 288 -14.61 4.26 10.68
C TRP A 288 -15.62 5.07 11.52
N GLN A 289 -15.15 6.13 12.17
CA GLN A 289 -16.02 7.03 12.90
C GLN A 289 -16.41 8.10 11.87
N ARG A 290 -17.72 8.46 11.75
CA ARG A 290 -18.14 9.47 10.77
C ARG A 290 -17.35 10.78 10.91
N GLU A 291 -17.10 11.21 12.17
CA GLU A 291 -16.33 12.40 12.47
C GLU A 291 -14.82 12.09 12.41
N PRO A 292 -14.06 12.78 11.51
CA PRO A 292 -12.59 12.56 11.44
C PRO A 292 -11.90 12.76 12.78
N GLN A 293 -12.30 13.80 13.56
CA GLN A 293 -11.77 14.09 14.90
C GLN A 293 -12.05 12.95 15.88
N GLN A 294 -13.08 12.14 15.62
CA GLN A 294 -13.45 11.05 16.50
C GLN A 294 -12.80 9.71 16.11
N ARG A 295 -12.04 9.70 15.00
CA ARG A 295 -11.33 8.50 14.56
C ARG A 295 -10.05 8.39 15.35
N HIS A 296 -9.65 7.13 15.65
CA HIS A 296 -8.41 6.80 16.35
C HIS A 296 -7.16 7.31 15.64
N SER A 297 -6.04 7.37 16.37
CA SER A 297 -4.75 7.73 15.77
C SER A 297 -4.15 6.43 15.21
N ILE A 298 -3.33 6.53 14.16
CA ILE A 298 -2.69 5.35 13.60
C ILE A 298 -1.66 4.78 14.59
N LYS A 299 -1.02 5.66 15.43
CA LYS A 299 -0.06 5.26 16.47
C LYS A 299 -0.74 4.25 17.42
N ASP A 300 -1.98 4.57 17.81
CA ASP A 300 -2.85 3.78 18.69
C ASP A 300 -3.27 2.47 18.01
N VAL A 301 -3.78 2.57 16.74
CA VAL A 301 -4.23 1.45 15.91
C VAL A 301 -3.12 0.42 15.75
N HIS A 302 -1.89 0.90 15.49
CA HIS A 302 -0.72 0.05 15.38
C HIS A 302 -0.44 -0.66 16.71
N ALA A 303 -0.36 0.10 17.82
CA ALA A 303 -0.12 -0.38 19.18
C ALA A 303 -1.05 -1.55 19.56
N ARG A 304 -2.36 -1.41 19.26
CA ARG A 304 -3.37 -2.43 19.51
C ARG A 304 -3.12 -3.68 18.62
N LEU A 305 -2.79 -3.45 17.32
CA LEU A 305 -2.52 -4.51 16.34
C LEU A 305 -1.25 -5.27 16.66
N GLN A 306 -0.24 -4.56 17.19
CA GLN A 306 1.06 -5.09 17.56
C GLN A 306 0.89 -6.03 18.75
N ALA A 307 0.02 -5.64 19.71
CA ALA A 307 -0.34 -6.43 20.89
C ALA A 307 -0.93 -7.77 20.46
N LEU A 308 -1.85 -7.75 19.47
CA LEU A 308 -2.46 -8.96 18.92
C LEU A 308 -1.45 -9.74 18.07
N ALA A 309 -0.53 -9.02 17.38
CA ALA A 309 0.51 -9.61 16.51
C ALA A 309 1.49 -10.48 17.30
N GLN A 310 1.75 -10.12 18.57
CA GLN A 310 2.64 -10.86 19.46
C GLN A 310 1.86 -11.88 20.30
N ALA A 311 0.64 -11.51 20.74
CA ALA A 311 -0.25 -12.37 21.52
C ALA A 311 -1.51 -12.62 20.68
N PRO A 312 -1.51 -13.63 19.77
CA PRO A 312 -2.68 -13.85 18.91
C PRO A 312 -3.92 -14.33 19.65
N PRO A 313 -5.10 -13.68 19.43
CA PRO A 313 -6.32 -14.11 20.14
C PRO A 313 -6.72 -15.53 19.78
N VAL A 314 -7.23 -16.30 20.78
CA VAL A 314 -7.65 -17.67 20.54
C VAL A 314 -8.99 -17.62 19.80
N TYR A 315 -8.90 -17.50 18.47
CA TYR A 315 -10.06 -17.37 17.58
C TYR A 315 -10.01 -18.38 16.42
N LEU A 316 -11.19 -18.82 15.99
CA LEU A 316 -11.36 -19.72 14.87
C LEU A 316 -12.53 -19.24 14.02
N ASP A 317 -12.27 -18.94 12.73
CA ASP A 317 -13.22 -18.42 11.73
C ASP A 317 -14.54 -19.21 11.59
N VAL A 318 -14.46 -20.53 11.83
CA VAL A 318 -15.55 -21.50 11.75
C VAL A 318 -16.68 -21.25 12.77
N LEU A 319 -16.32 -21.13 14.05
CA LEU A 319 -17.27 -20.94 15.15
C LEU A 319 -17.90 -19.54 15.17
N GLY A 320 -17.12 -18.54 14.77
CA GLY A 320 -17.55 -17.14 14.69
C GLY A 320 -17.17 -16.32 15.91
C5 FKY B . 4.59 -7.77 -10.19
C6 FKY B . 3.60 -9.95 -10.96
C7 FKY B . 6.11 -6.12 -8.95
C8 FKY B . 7.13 -5.99 -8.02
C10 FKY B . 7.08 -3.63 -8.35
C15 FKY B . 7.83 -0.07 -8.08
C20 FKY B . 6.02 1.91 -5.73
C22 FKY B . 6.96 3.10 -5.61
C24 FKY B . 7.36 3.66 -3.19
C26 FKY B . 6.04 5.30 -2.04
C28 FKY B . 5.70 4.91 -4.38
C1 FKY B . 5.57 -7.44 -9.29
N2 FKY B . 6.11 -8.63 -8.68
C3 FKY B . 5.45 -9.62 -9.22
N4 FKY B . 4.51 -9.13 -10.16
C9 FKY B . 7.67 -4.74 -7.71
N11 FKY B . 6.08 -3.72 -9.23
C12 FKY B . 5.61 -4.95 -9.53
O13 FKY B . 7.65 -2.42 -8.12
C14 FKY B . 6.87 -1.21 -8.28
C16 FKY B . 7.04 1.30 -7.95
N17 FKY B . 6.06 1.19 -6.87
C18 FKY B . 5.05 0.16 -7.16
C19 FKY B . 5.72 -1.21 -7.28
O21 FKY B . 5.33 1.58 -4.78
C23 FKY B . 6.68 3.92 -4.38
C25 FKY B . 7.03 4.33 -2.02
C27 FKY B . 5.38 5.60 -3.23
O29 FKY B . 5.83 6.02 -0.86
C30 FKY B . 4.73 5.74 -0.16
F31 FKY B . 4.64 4.46 0.17
F32 FKY B . 4.79 6.45 0.95
F33 FKY B . 3.62 6.08 -0.78
F34 FKY B . 8.57 -0.26 -6.90
C35 FKY B . 8.85 -4.61 -6.78
N36 FKY B . 8.88 -3.58 -5.95
O37 FKY B . 9.75 -5.44 -6.86
#